data_4Y9X
#
_entry.id   4Y9X
#
_cell.length_a   98.850
_cell.length_b   98.850
_cell.length_c   127.790
_cell.angle_alpha   90.00
_cell.angle_beta   90.00
_cell.angle_gamma   90.00
#
_symmetry.space_group_name_H-M   'I 41'
#
loop_
_entity.id
_entity.type
_entity.pdbx_description
1 polymer 'Glucosyl-3-phosphoglycerate synthase'
2 non-polymer 'MANGANESE (II) ION'
3 non-polymer 'CHLORIDE ION'
4 non-polymer '3-PHOSPHOGLYCERIC ACID'
5 non-polymer "URIDINE-5'-DIPHOSPHATE-GLUCOSE"
6 non-polymer 1,2-ETHANEDIOL
7 water water
#
_entity_poly.entity_id   1
_entity_poly.type   'polypeptide(L)'
_entity_poly.pdbx_seq_one_letter_code
;GSGAMTASELVAGDLAGGRAPGALPLDTTWHRPGWTIGELEAAKAGRTISVVLPALNEEATIESVIDSISPLVDGLVDEL
IVLDSGSTDDTEIRAIASGARVVSREQALPEVPVRPGKGEALWRSLAATSGDIVVFIDSDLINPHPLFVPWLVGPLLTGE
GIQLVKSFYRRPLQVSDVTSGVCATGGGRVTELVARPLLAALRPELGCVLQPLSGEYAASRELLTSLPFAPGYGVEIGLL
IDTFDRLGLDAIAQVNLGVRAHRNRPLDELGAMSRQVIATLLSRCGIPDSGVGLTQFLPGGPDDSDYTRHTWPVSLVDRP
PMKVMRPR
;
_entity_poly.pdbx_strand_id   A
#
# COMPACT_ATOMS: atom_id res chain seq x y z
N ALA A 23 -14.28 -19.41 2.85
CA ALA A 23 -14.32 -17.97 2.71
C ALA A 23 -15.50 -17.37 3.48
N LEU A 24 -15.30 -16.14 3.96
CA LEU A 24 -16.38 -15.27 4.44
C LEU A 24 -17.09 -14.57 3.27
N PRO A 25 -17.91 -13.54 3.56
CA PRO A 25 -18.59 -12.83 2.46
C PRO A 25 -17.55 -12.09 1.61
N LEU A 26 -16.31 -12.11 2.10
CA LEU A 26 -15.17 -11.50 1.42
C LEU A 26 -14.29 -12.63 0.87
N ASP A 27 -14.12 -12.65 -0.45
CA ASP A 27 -13.24 -13.63 -1.09
C ASP A 27 -11.86 -13.64 -0.44
N THR A 28 -11.59 -14.70 0.31
CA THR A 28 -10.37 -14.84 1.07
C THR A 28 -9.60 -16.08 0.65
N THR A 29 -8.36 -15.90 0.21
CA THR A 29 -7.51 -17.03 -0.11
C THR A 29 -6.70 -17.31 1.15
N TRP A 30 -7.14 -18.36 1.84
CA TRP A 30 -6.65 -18.79 3.14
C TRP A 30 -5.37 -19.60 3.03
N HIS A 31 -5.18 -20.25 1.89
N HIS A 31 -5.18 -20.21 1.88
CA HIS A 31 -4.05 -21.14 1.68
CA HIS A 31 -4.05 -21.08 1.62
C HIS A 31 -3.17 -20.70 0.51
C HIS A 31 -3.14 -20.65 0.49
N ARG A 32 -2.03 -21.38 0.34
CA ARG A 32 -1.09 -21.10 -0.74
C ARG A 32 -1.82 -21.07 -2.08
N PRO A 33 -1.77 -19.95 -2.81
CA PRO A 33 -2.39 -20.00 -4.14
C PRO A 33 -1.75 -21.09 -5.01
N GLY A 34 -2.52 -21.67 -5.93
CA GLY A 34 -2.06 -22.84 -6.65
C GLY A 34 -1.59 -22.47 -8.04
N TRP A 35 -1.89 -21.24 -8.44
CA TRP A 35 -1.52 -20.72 -9.75
C TRP A 35 -0.01 -20.72 -9.96
N THR A 36 0.45 -21.16 -11.13
CA THR A 36 1.86 -21.10 -11.46
C THR A 36 2.12 -19.76 -12.15
N ILE A 37 3.38 -19.33 -12.15
CA ILE A 37 3.75 -18.06 -12.79
C ILE A 37 3.35 -18.01 -14.26
N GLY A 38 3.46 -19.14 -14.95
CA GLY A 38 3.09 -19.23 -16.36
C GLY A 38 1.60 -19.14 -16.65
N GLU A 39 0.79 -19.75 -15.78
CA GLU A 39 -0.66 -19.59 -15.86
C GLU A 39 -1.05 -18.12 -15.69
N LEU A 40 -0.51 -17.50 -14.65
CA LEU A 40 -0.82 -16.11 -14.31
C LEU A 40 -0.47 -15.17 -15.46
N GLU A 41 0.70 -15.41 -16.05
CA GLU A 41 1.17 -14.63 -17.19
C GLU A 41 0.22 -14.72 -18.40
N ALA A 42 -0.24 -15.93 -18.68
CA ALA A 42 -1.21 -16.17 -19.76
C ALA A 42 -2.50 -15.38 -19.56
N ALA A 43 -2.97 -15.34 -18.32
CA ALA A 43 -4.22 -14.68 -17.93
C ALA A 43 -4.20 -13.16 -18.08
N LYS A 44 -3.02 -12.57 -18.25
CA LYS A 44 -2.91 -11.11 -18.38
C LYS A 44 -3.73 -10.59 -19.56
N ALA A 45 -3.65 -11.26 -20.71
CA ALA A 45 -4.48 -10.90 -21.86
C ALA A 45 -4.36 -9.43 -22.27
N GLY A 46 -3.13 -8.95 -22.42
CA GLY A 46 -2.88 -7.58 -22.84
C GLY A 46 -2.80 -6.59 -21.70
N ARG A 47 -3.34 -6.95 -20.54
CA ARG A 47 -3.20 -6.10 -19.37
C ARG A 47 -1.72 -6.10 -19.00
N THR A 48 -1.21 -4.95 -18.56
CA THR A 48 0.16 -4.86 -18.03
C THR A 48 0.17 -4.75 -16.50
N ILE A 49 1.34 -5.00 -15.91
CA ILE A 49 1.50 -5.02 -14.46
C ILE A 49 2.69 -4.15 -14.06
N SER A 50 2.42 -3.15 -13.24
CA SER A 50 3.49 -2.37 -12.61
C SER A 50 3.64 -2.72 -11.14
N VAL A 51 4.88 -2.71 -10.66
CA VAL A 51 5.17 -2.90 -9.25
C VAL A 51 5.83 -1.63 -8.76
N VAL A 52 5.35 -1.12 -7.62
CA VAL A 52 5.90 0.08 -7.02
C VAL A 52 6.41 -0.23 -5.62
N LEU A 53 7.64 0.19 -5.34
CA LEU A 53 8.19 0.08 -3.99
C LEU A 53 8.41 1.47 -3.40
N PRO A 54 7.54 1.89 -2.46
CA PRO A 54 7.84 3.18 -1.83
C PRO A 54 8.99 3.02 -0.87
N ALA A 55 9.86 4.02 -0.74
CA ALA A 55 11.02 3.88 0.12
C ALA A 55 11.45 5.21 0.73
N LEU A 56 11.56 5.22 2.06
CA LEU A 56 12.12 6.34 2.77
C LEU A 56 13.18 5.78 3.72
N ASN A 57 14.45 5.98 3.37
CA ASN A 57 15.57 5.54 4.20
C ASN A 57 15.56 4.05 4.54
N GLU A 58 15.43 3.18 3.53
CA GLU A 58 15.43 1.72 3.73
C GLU A 58 16.65 0.98 3.15
N GLU A 59 17.83 1.53 3.34
CA GLU A 59 19.04 0.96 2.74
C GLU A 59 19.35 -0.48 3.17
N ALA A 60 18.94 -0.86 4.38
CA ALA A 60 19.25 -2.19 4.90
C ALA A 60 18.45 -3.33 4.26
N THR A 61 17.27 -3.03 3.74
CA THR A 61 16.33 -4.07 3.30
C THR A 61 15.95 -3.96 1.82
N ILE A 62 16.15 -2.78 1.25
CA ILE A 62 15.70 -2.48 -0.11
C ILE A 62 16.20 -3.47 -1.17
N GLU A 63 17.46 -3.88 -1.09
CA GLU A 63 18.03 -4.75 -2.12
C GLU A 63 17.39 -6.14 -2.13
N SER A 64 17.20 -6.70 -0.94
CA SER A 64 16.48 -7.97 -0.79
C SER A 64 15.06 -7.93 -1.37
N VAL A 65 14.37 -6.82 -1.17
CA VAL A 65 13.01 -6.67 -1.72
C VAL A 65 13.04 -6.59 -3.24
N ILE A 66 13.91 -5.76 -3.79
CA ILE A 66 14.01 -5.65 -5.24
C ILE A 66 14.36 -7.01 -5.86
N ASP A 67 15.35 -7.69 -5.27
CA ASP A 67 15.79 -8.99 -5.79
C ASP A 67 14.70 -10.05 -5.75
N SER A 68 13.78 -9.94 -4.79
CA SER A 68 12.68 -10.89 -4.69
C SER A 68 11.74 -10.78 -5.89
N ILE A 69 11.79 -9.64 -6.58
CA ILE A 69 10.80 -9.32 -7.60
C ILE A 69 11.38 -9.17 -9.00
N SER A 70 12.66 -8.77 -9.10
CA SER A 70 13.22 -8.45 -10.41
C SER A 70 13.27 -9.65 -11.37
N PRO A 71 13.31 -10.90 -10.84
CA PRO A 71 13.25 -12.02 -11.78
C PRO A 71 11.95 -12.10 -12.59
N LEU A 72 10.93 -11.36 -12.15
CA LEU A 72 9.64 -11.39 -12.83
C LEU A 72 9.58 -10.38 -13.98
N VAL A 73 10.53 -9.45 -14.02
CA VAL A 73 10.44 -8.33 -14.96
C VAL A 73 10.62 -8.81 -16.40
N ASP A 74 9.84 -8.22 -17.30
CA ASP A 74 9.78 -8.60 -18.72
C ASP A 74 9.03 -9.92 -18.90
N GLY A 75 8.50 -10.45 -17.81
CA GLY A 75 7.63 -11.62 -17.86
C GLY A 75 6.26 -11.28 -17.30
N LEU A 76 5.97 -11.78 -16.10
CA LEU A 76 4.70 -11.46 -15.46
C LEU A 76 4.62 -9.97 -15.16
N VAL A 77 5.72 -9.42 -14.65
CA VAL A 77 5.81 -8.00 -14.32
C VAL A 77 6.44 -7.25 -15.49
N ASP A 78 5.76 -6.21 -15.96
CA ASP A 78 6.24 -5.44 -17.11
C ASP A 78 7.11 -4.29 -16.65
N GLU A 79 7.00 -3.91 -15.37
CA GLU A 79 7.63 -2.70 -14.89
C GLU A 79 7.82 -2.72 -13.37
N LEU A 80 9.01 -2.28 -12.95
CA LEU A 80 9.33 -2.14 -11.52
C LEU A 80 9.98 -0.80 -11.25
N ILE A 81 9.44 -0.04 -10.30
CA ILE A 81 10.11 1.18 -9.85
C ILE A 81 10.25 1.22 -8.33
N VAL A 82 11.26 1.95 -7.87
CA VAL A 82 11.38 2.33 -6.48
C VAL A 82 10.93 3.78 -6.39
N LEU A 83 9.91 4.06 -5.58
CA LEU A 83 9.52 5.44 -5.36
C LEU A 83 10.24 5.99 -4.14
N ASP A 84 11.30 6.74 -4.40
CA ASP A 84 12.17 7.25 -3.35
C ASP A 84 11.51 8.49 -2.76
N SER A 85 11.32 8.50 -1.44
CA SER A 85 10.49 9.53 -0.81
CA SER A 85 10.48 9.50 -0.80
C SER A 85 11.32 10.51 -0.02
N GLY A 86 12.46 10.91 -0.58
CA GLY A 86 13.33 11.84 0.10
C GLY A 86 14.44 11.20 0.90
N SER A 87 14.91 10.02 0.48
CA SER A 87 15.88 9.30 1.30
C SER A 87 17.18 10.10 1.40
N THR A 88 17.81 10.06 2.57
CA THR A 88 19.11 10.66 2.76
C THR A 88 20.17 9.62 3.12
N ASP A 89 19.80 8.33 3.09
CA ASP A 89 20.78 7.29 3.30
C ASP A 89 21.22 6.79 1.93
N ASP A 90 21.67 5.54 1.86
CA ASP A 90 22.13 4.94 0.60
C ASP A 90 21.03 4.20 -0.18
N THR A 91 19.76 4.51 0.08
CA THR A 91 18.66 3.74 -0.53
C THR A 91 18.75 3.73 -2.06
N GLU A 92 18.97 4.90 -2.65
CA GLU A 92 18.87 5.04 -4.11
C GLU A 92 20.00 4.34 -4.84
N ILE A 93 21.23 4.50 -4.35
CA ILE A 93 22.39 3.88 -5.00
C ILE A 93 22.34 2.35 -4.94
N ARG A 94 21.89 1.80 -3.82
CA ARG A 94 21.77 0.36 -3.68
C ARG A 94 20.66 -0.19 -4.55
N ALA A 95 19.57 0.56 -4.69
CA ALA A 95 18.47 0.14 -5.55
C ALA A 95 18.90 0.13 -7.01
N ILE A 96 19.63 1.17 -7.42
CA ILE A 96 20.15 1.26 -8.78
C ILE A 96 21.07 0.09 -9.06
N ALA A 97 21.82 -0.30 -8.03
CA ALA A 97 22.81 -1.38 -8.15
C ALA A 97 22.12 -2.74 -8.20
N SER A 98 20.83 -2.76 -7.86
CA SER A 98 20.03 -3.96 -8.02
C SER A 98 19.26 -3.92 -9.34
N GLY A 99 19.60 -2.94 -10.19
CA GLY A 99 19.03 -2.84 -11.51
C GLY A 99 17.66 -2.18 -11.57
N ALA A 100 17.22 -1.59 -10.47
CA ALA A 100 15.91 -0.95 -10.42
C ALA A 100 15.94 0.48 -10.95
N ARG A 101 14.87 0.86 -11.64
CA ARG A 101 14.63 2.27 -11.95
C ARG A 101 14.16 2.99 -10.68
N VAL A 102 14.90 4.03 -10.28
CA VAL A 102 14.55 4.80 -9.09
C VAL A 102 13.95 6.14 -9.50
N VAL A 103 12.77 6.45 -8.94
CA VAL A 103 12.07 7.67 -9.28
C VAL A 103 11.79 8.50 -8.02
N SER A 104 12.29 9.73 -8.00
CA SER A 104 11.99 10.65 -6.91
C SER A 104 10.55 11.13 -7.01
N ARG A 105 10.05 11.70 -5.91
CA ARG A 105 8.71 12.29 -5.90
C ARG A 105 8.62 13.40 -6.93
N GLU A 106 9.71 14.18 -7.04
CA GLU A 106 9.76 15.28 -7.98
C GLU A 106 9.69 14.83 -9.44
N GLN A 107 10.38 13.74 -9.76
CA GLN A 107 10.39 13.24 -11.13
C GLN A 107 9.07 12.60 -11.53
N ALA A 108 8.44 11.93 -10.58
CA ALA A 108 7.13 11.31 -10.81
C ALA A 108 6.08 12.31 -11.30
N LEU A 109 6.16 13.54 -10.81
CA LEU A 109 5.14 14.52 -11.12
C LEU A 109 5.64 15.95 -10.87
N PRO A 110 6.46 16.48 -11.80
CA PRO A 110 7.30 17.64 -11.52
C PRO A 110 6.53 18.96 -11.51
N GLU A 111 5.33 18.99 -12.08
CA GLU A 111 4.55 20.23 -12.08
C GLU A 111 3.95 20.54 -10.71
N VAL A 112 4.00 19.57 -9.80
CA VAL A 112 3.31 19.69 -8.51
C VAL A 112 4.32 19.61 -7.37
N PRO A 113 4.44 20.68 -6.55
CA PRO A 113 5.39 20.63 -5.43
C PRO A 113 5.14 19.44 -4.50
N VAL A 114 6.20 18.91 -3.90
CA VAL A 114 6.14 17.65 -3.18
C VAL A 114 5.68 17.87 -1.74
N ARG A 115 4.73 17.06 -1.29
CA ARG A 115 4.37 16.98 0.14
C ARG A 115 4.98 15.77 0.83
N PRO A 116 5.17 15.86 2.16
CA PRO A 116 5.66 14.70 2.91
C PRO A 116 4.62 13.57 3.06
N GLY A 117 5.11 12.35 3.24
CA GLY A 117 4.31 11.22 3.70
C GLY A 117 4.14 10.14 2.67
N LYS A 118 3.71 8.97 3.13
CA LYS A 118 3.61 7.79 2.26
C LYS A 118 2.56 7.95 1.17
N GLY A 119 1.40 8.52 1.53
CA GLY A 119 0.28 8.63 0.63
C GLY A 119 0.65 9.44 -0.60
N GLU A 120 1.48 10.46 -0.39
CA GLU A 120 1.94 11.31 -1.48
C GLU A 120 2.75 10.49 -2.48
N ALA A 121 3.60 9.61 -1.95
CA ALA A 121 4.49 8.79 -2.77
C ALA A 121 3.72 7.83 -3.67
N LEU A 122 2.73 7.15 -3.09
CA LEU A 122 1.91 6.21 -3.84
C LEU A 122 1.08 6.93 -4.90
N TRP A 123 0.57 8.11 -4.56
CA TRP A 123 -0.26 8.86 -5.50
C TRP A 123 0.58 9.28 -6.69
N ARG A 124 1.75 9.87 -6.42
CA ARG A 124 2.69 10.24 -7.45
C ARG A 124 3.13 9.06 -8.34
N SER A 125 3.30 7.90 -7.71
CA SER A 125 3.69 6.68 -8.43
C SER A 125 2.73 6.29 -9.55
N LEU A 126 1.47 6.70 -9.42
CA LEU A 126 0.50 6.49 -10.49
C LEU A 126 0.90 7.24 -11.76
N ALA A 127 1.53 8.40 -11.59
CA ALA A 127 1.99 9.17 -12.75
C ALA A 127 3.29 8.62 -13.33
N ALA A 128 3.96 7.73 -12.61
CA ALA A 128 5.27 7.23 -13.04
C ALA A 128 5.20 5.78 -13.52
N THR A 129 3.99 5.22 -13.57
CA THR A 129 3.78 3.85 -14.03
C THR A 129 2.68 3.88 -15.07
N SER A 130 2.52 2.78 -15.81
CA SER A 130 1.47 2.69 -16.81
C SER A 130 0.82 1.32 -16.85
N GLY A 131 1.15 0.46 -15.89
CA GLY A 131 0.51 -0.83 -15.82
C GLY A 131 -0.98 -0.67 -15.61
N ASP A 132 -1.75 -1.54 -16.24
CA ASP A 132 -3.19 -1.62 -15.99
C ASP A 132 -3.45 -2.04 -14.55
N ILE A 133 -2.49 -2.77 -13.99
CA ILE A 133 -2.53 -3.20 -12.61
C ILE A 133 -1.31 -2.65 -11.90
N VAL A 134 -1.52 -2.18 -10.67
CA VAL A 134 -0.44 -1.62 -9.86
C VAL A 134 -0.35 -2.41 -8.58
N VAL A 135 0.87 -2.83 -8.26
CA VAL A 135 1.14 -3.56 -7.03
C VAL A 135 2.06 -2.74 -6.12
N PHE A 136 1.68 -2.63 -4.86
CA PHE A 136 2.50 -1.96 -3.86
C PHE A 136 3.11 -3.00 -2.92
N ILE A 137 4.41 -2.85 -2.65
CA ILE A 137 5.11 -3.69 -1.67
C ILE A 137 6.01 -2.80 -0.81
N ASP A 138 5.90 -2.87 0.52
CA ASP A 138 6.73 -2.01 1.34
C ASP A 138 8.19 -2.43 1.17
N SER A 139 9.10 -1.46 1.25
CA SER A 139 10.52 -1.69 1.03
C SER A 139 11.31 -2.00 2.30
N ASP A 140 10.62 -2.03 3.45
CA ASP A 140 11.26 -2.37 4.72
C ASP A 140 11.05 -3.82 5.16
N LEU A 141 10.55 -4.66 4.27
CA LEU A 141 10.30 -6.06 4.59
C LEU A 141 11.60 -6.85 4.73
N ILE A 142 11.64 -7.71 5.73
CA ILE A 142 12.74 -8.64 5.98
C ILE A 142 12.51 -10.00 5.32
N ASN A 143 13.39 -10.34 4.38
CA ASN A 143 13.29 -11.52 3.53
C ASN A 143 11.87 -11.80 3.03
N PRO A 144 11.40 -10.99 2.07
CA PRO A 144 10.04 -11.22 1.56
C PRO A 144 10.02 -12.41 0.60
N HIS A 145 8.91 -13.15 0.54
CA HIS A 145 8.81 -14.26 -0.40
C HIS A 145 8.85 -13.77 -1.85
N PRO A 146 9.55 -14.48 -2.75
CA PRO A 146 9.55 -14.02 -4.14
C PRO A 146 8.20 -14.22 -4.86
N LEU A 147 7.28 -14.95 -4.24
CA LEU A 147 5.93 -15.15 -4.80
C LEU A 147 4.88 -14.17 -4.31
N PHE A 148 5.28 -13.23 -3.46
CA PHE A 148 4.37 -12.18 -3.00
C PHE A 148 3.54 -11.55 -4.13
N VAL A 149 4.20 -11.09 -5.19
CA VAL A 149 3.51 -10.42 -6.30
C VAL A 149 2.55 -11.34 -7.07
N PRO A 150 2.98 -12.56 -7.45
CA PRO A 150 2.04 -13.50 -8.06
C PRO A 150 0.83 -13.86 -7.20
N TRP A 151 1.03 -14.05 -5.90
CA TRP A 151 -0.07 -14.35 -5.01
C TRP A 151 -1.11 -13.22 -4.96
N LEU A 152 -0.64 -11.98 -5.00
CA LEU A 152 -1.52 -10.80 -5.00
C LEU A 152 -2.31 -10.54 -6.27
N VAL A 153 -1.74 -10.86 -7.44
CA VAL A 153 -2.39 -10.53 -8.70
C VAL A 153 -3.37 -11.61 -9.13
N GLY A 154 -3.29 -12.76 -8.47
CA GLY A 154 -4.12 -13.91 -8.81
C GLY A 154 -5.59 -13.58 -8.96
N PRO A 155 -6.21 -13.01 -7.92
CA PRO A 155 -7.64 -12.72 -8.02
C PRO A 155 -7.95 -11.66 -9.06
N LEU A 156 -7.02 -10.74 -9.34
CA LEU A 156 -7.25 -9.72 -10.34
C LEU A 156 -7.19 -10.32 -11.74
N LEU A 157 -6.40 -11.37 -11.90
CA LEU A 157 -6.10 -11.92 -13.22
C LEU A 157 -7.15 -12.95 -13.57
N THR A 158 -7.54 -13.74 -12.57
CA THR A 158 -8.35 -14.93 -12.80
C THR A 158 -9.75 -14.80 -12.21
N GLY A 159 -10.01 -13.69 -11.51
CA GLY A 159 -11.31 -13.52 -10.90
C GLY A 159 -12.19 -12.75 -11.86
N GLU A 160 -13.38 -12.37 -11.41
CA GLU A 160 -14.16 -11.34 -12.07
C GLU A 160 -14.66 -10.28 -11.09
N GLY A 161 -14.47 -9.02 -11.48
CA GLY A 161 -14.92 -7.87 -10.73
C GLY A 161 -14.05 -7.51 -9.54
N ILE A 162 -13.03 -8.31 -9.27
CA ILE A 162 -12.07 -7.95 -8.22
C ILE A 162 -11.25 -6.80 -8.79
N GLN A 163 -11.16 -5.71 -8.04
CA GLN A 163 -10.34 -4.56 -8.44
C GLN A 163 -9.27 -4.25 -7.41
N LEU A 164 -9.38 -4.86 -6.23
CA LEU A 164 -8.45 -4.60 -5.14
C LEU A 164 -8.18 -5.89 -4.38
N VAL A 165 -6.89 -6.17 -4.14
CA VAL A 165 -6.50 -7.32 -3.35
C VAL A 165 -5.56 -6.88 -2.23
N LYS A 166 -5.96 -7.17 -0.99
CA LYS A 166 -5.17 -6.86 0.21
C LYS A 166 -4.46 -8.12 0.69
N SER A 167 -3.32 -7.96 1.34
CA SER A 167 -2.64 -9.11 1.93
C SER A 167 -3.06 -9.24 3.39
N PHE A 168 -2.86 -10.44 3.94
CA PHE A 168 -2.80 -10.64 5.38
C PHE A 168 -1.70 -11.61 5.81
N TYR A 169 -1.51 -11.70 7.12
N TYR A 169 -1.50 -11.74 7.12
CA TYR A 169 -0.40 -12.47 7.68
CA TYR A 169 -0.33 -12.41 7.71
C TYR A 169 -0.50 -12.53 9.21
C TYR A 169 -0.52 -12.56 9.21
N ARG A 170 0.48 -13.16 9.85
CA ARG A 170 0.57 -13.20 11.31
C ARG A 170 1.24 -11.94 11.86
N GLY A 187 2.92 -6.88 16.79
CA GLY A 187 1.98 -7.84 16.24
C GLY A 187 0.83 -7.16 15.51
N GLY A 188 1.14 -6.04 14.86
CA GLY A 188 0.13 -5.18 14.26
C GLY A 188 -0.61 -4.42 15.34
N ARG A 189 0.14 -3.66 16.13
CA ARG A 189 -0.42 -2.85 17.19
C ARG A 189 -1.43 -1.78 16.74
N VAL A 190 -1.08 -1.02 15.69
CA VAL A 190 -1.98 0.02 15.21
C VAL A 190 -3.21 -0.65 14.61
N THR A 191 -2.97 -1.73 13.88
CA THR A 191 -4.04 -2.46 13.20
C THR A 191 -5.06 -3.01 14.20
N GLU A 192 -4.56 -3.68 15.23
CA GLU A 192 -5.43 -4.42 16.14
C GLU A 192 -6.04 -3.55 17.23
N LEU A 193 -5.37 -2.46 17.57
CA LEU A 193 -5.87 -1.58 18.62
C LEU A 193 -6.65 -0.39 18.06
N VAL A 194 -6.29 0.04 16.85
CA VAL A 194 -6.89 1.24 16.28
C VAL A 194 -7.79 0.95 15.08
N ALA A 195 -7.23 0.43 14.00
CA ALA A 195 -7.97 0.34 12.75
C ALA A 195 -9.09 -0.70 12.72
N ARG A 196 -8.81 -1.92 13.15
CA ARG A 196 -9.83 -2.98 13.15
C ARG A 196 -10.96 -2.67 14.12
N PRO A 197 -10.62 -2.23 15.35
CA PRO A 197 -11.71 -1.84 16.27
C PRO A 197 -12.52 -0.62 15.79
N LEU A 198 -11.87 0.36 15.18
CA LEU A 198 -12.59 1.50 14.60
C LEU A 198 -13.47 1.14 13.42
N LEU A 199 -13.02 0.21 12.59
CA LEU A 199 -13.85 -0.30 11.49
C LEU A 199 -15.09 -0.99 12.02
N ALA A 200 -14.93 -1.76 13.10
CA ALA A 200 -16.05 -2.48 13.68
C ALA A 200 -17.09 -1.47 14.17
N ALA A 201 -16.60 -0.36 14.70
CA ALA A 201 -17.46 0.71 15.17
C ALA A 201 -18.20 1.44 14.03
N LEU A 202 -17.55 1.69 12.91
CA LEU A 202 -18.05 2.67 11.94
C LEU A 202 -18.28 2.10 10.53
N ARG A 203 -17.64 0.97 10.22
CA ARG A 203 -17.88 0.28 8.96
C ARG A 203 -17.78 -1.23 9.19
N PRO A 204 -18.67 -1.78 10.02
CA PRO A 204 -18.56 -3.17 10.48
C PRO A 204 -18.59 -4.18 9.34
N GLU A 205 -19.06 -3.74 8.18
CA GLU A 205 -19.08 -4.59 6.99
C GLU A 205 -17.66 -4.98 6.60
N LEU A 206 -16.69 -4.16 7.01
CA LEU A 206 -15.28 -4.41 6.73
C LEU A 206 -14.59 -5.15 7.87
N GLY A 207 -15.38 -5.64 8.82
CA GLY A 207 -14.82 -6.40 9.93
C GLY A 207 -14.08 -7.67 9.52
N CYS A 208 -14.37 -8.17 8.33
CA CYS A 208 -13.77 -9.41 7.86
C CYS A 208 -12.40 -9.23 7.22
N VAL A 209 -11.96 -7.97 7.07
CA VAL A 209 -10.65 -7.68 6.50
C VAL A 209 -9.60 -7.85 7.60
N LEU A 210 -8.68 -8.80 7.44
CA LEU A 210 -7.77 -9.12 8.54
C LEU A 210 -6.61 -8.13 8.73
N GLN A 211 -6.12 -7.55 7.64
CA GLN A 211 -5.01 -6.61 7.68
C GLN A 211 -5.31 -5.39 6.81
N PRO A 212 -6.27 -4.55 7.23
CA PRO A 212 -6.66 -3.37 6.43
C PRO A 212 -5.53 -2.39 6.15
N LEU A 213 -4.55 -2.32 7.06
CA LEU A 213 -3.42 -1.40 6.92
C LEU A 213 -2.20 -1.99 6.20
N SER A 214 -2.32 -3.21 5.68
CA SER A 214 -1.18 -3.88 5.06
CA SER A 214 -1.19 -3.89 5.05
C SER A 214 -0.62 -3.07 3.91
N GLY A 215 0.71 -2.87 3.91
CA GLY A 215 1.39 -2.18 2.84
C GLY A 215 1.55 -2.97 1.56
N GLU A 216 1.21 -4.25 1.56
CA GLU A 216 1.30 -5.07 0.35
C GLU A 216 -0.08 -5.30 -0.25
N TYR A 217 -0.33 -4.73 -1.42
CA TYR A 217 -1.62 -4.92 -2.07
C TYR A 217 -1.55 -4.52 -3.55
N ALA A 218 -2.58 -4.92 -4.29
CA ALA A 218 -2.65 -4.62 -5.73
C ALA A 218 -4.03 -4.15 -6.11
N ALA A 219 -4.10 -3.36 -7.17
CA ALA A 219 -5.39 -2.82 -7.62
C ALA A 219 -5.31 -2.40 -9.08
N SER A 220 -6.47 -2.30 -9.72
CA SER A 220 -6.53 -1.80 -11.09
C SER A 220 -6.22 -0.30 -11.15
N ARG A 221 -5.56 0.12 -12.22
CA ARG A 221 -5.34 1.54 -12.47
C ARG A 221 -6.66 2.30 -12.54
N GLU A 222 -7.67 1.69 -13.15
CA GLU A 222 -8.96 2.34 -13.31
C GLU A 222 -9.53 2.71 -11.96
N LEU A 223 -9.43 1.77 -11.02
CA LEU A 223 -9.82 2.04 -9.64
C LEU A 223 -8.94 3.09 -8.96
N LEU A 224 -7.64 2.86 -8.99
CA LEU A 224 -6.72 3.73 -8.24
C LEU A 224 -6.69 5.18 -8.69
N THR A 225 -6.73 5.41 -10.01
CA THR A 225 -6.71 6.78 -10.53
C THR A 225 -8.08 7.46 -10.42
N SER A 226 -9.07 6.72 -9.94
CA SER A 226 -10.41 7.25 -9.73
C SER A 226 -10.63 7.62 -8.27
N LEU A 227 -9.67 7.27 -7.41
CA LEU A 227 -9.82 7.54 -5.98
C LEU A 227 -8.85 8.61 -5.49
N PRO A 228 -9.29 9.43 -4.53
CA PRO A 228 -8.37 10.34 -3.85
C PRO A 228 -7.36 9.56 -3.01
N PHE A 229 -6.26 10.19 -2.62
CA PHE A 229 -5.28 9.54 -1.78
C PHE A 229 -5.08 10.34 -0.50
N ALA A 230 -5.35 9.68 0.63
CA ALA A 230 -5.16 10.31 1.92
C ALA A 230 -3.67 10.56 2.15
N PRO A 231 -3.33 11.57 2.95
CA PRO A 231 -1.91 11.90 3.14
C PRO A 231 -1.27 10.96 4.14
N GLY A 232 0.05 10.86 4.11
CA GLY A 232 0.78 10.23 5.19
C GLY A 232 0.44 8.76 5.27
N TYR A 233 0.37 8.24 6.48
CA TYR A 233 -0.07 6.87 6.74
C TYR A 233 -1.58 6.62 6.65
N GLY A 234 -2.36 7.59 6.16
CA GLY A 234 -3.79 7.41 6.06
C GLY A 234 -4.20 6.72 4.78
N VAL A 235 -3.24 6.55 3.87
CA VAL A 235 -3.54 6.16 2.50
C VAL A 235 -4.20 4.78 2.38
N GLU A 236 -3.73 3.78 3.13
CA GLU A 236 -4.31 2.45 3.03
C GLU A 236 -5.76 2.37 3.50
N ILE A 237 -6.02 2.91 4.69
CA ILE A 237 -7.36 2.83 5.25
C ILE A 237 -8.35 3.60 4.38
N GLY A 238 -7.88 4.72 3.81
CA GLY A 238 -8.68 5.53 2.92
C GLY A 238 -9.08 4.82 1.64
N LEU A 239 -8.13 4.12 1.04
CA LEU A 239 -8.35 3.38 -0.19
C LEU A 239 -9.35 2.24 -0.03
N LEU A 240 -9.25 1.55 1.09
CA LEU A 240 -10.15 0.44 1.38
C LEU A 240 -11.60 0.86 1.55
N ILE A 241 -11.84 1.87 2.39
CA ILE A 241 -13.19 2.37 2.61
C ILE A 241 -13.82 2.99 1.36
N ASP A 242 -13.04 3.75 0.61
CA ASP A 242 -13.53 4.35 -0.63
C ASP A 242 -13.90 3.27 -1.65
N THR A 243 -13.05 2.26 -1.76
CA THR A 243 -13.31 1.12 -2.65
C THR A 243 -14.62 0.45 -2.27
N PHE A 244 -14.75 0.13 -0.98
CA PHE A 244 -15.94 -0.53 -0.47
C PHE A 244 -17.19 0.31 -0.71
N ASP A 245 -17.11 1.60 -0.36
CA ASP A 245 -18.26 2.48 -0.50
C ASP A 245 -18.67 2.58 -1.97
N ARG A 246 -17.68 2.56 -2.86
CA ARG A 246 -17.94 2.72 -4.29
C ARG A 246 -18.28 1.43 -5.04
N LEU A 247 -17.65 0.30 -4.68
CA LEU A 247 -17.84 -0.95 -5.42
C LEU A 247 -18.36 -2.13 -4.56
N GLY A 248 -18.39 -1.94 -3.26
CA GLY A 248 -18.77 -2.99 -2.31
C GLY A 248 -17.76 -4.11 -2.14
N LEU A 249 -18.08 -5.05 -1.24
CA LEU A 249 -17.15 -6.13 -0.87
C LEU A 249 -16.76 -7.07 -2.01
N ASP A 250 -17.66 -7.23 -2.98
CA ASP A 250 -17.49 -8.21 -4.03
C ASP A 250 -16.33 -7.85 -4.94
N ALA A 251 -15.88 -6.60 -4.85
CA ALA A 251 -14.77 -6.11 -5.65
C ALA A 251 -13.44 -6.27 -4.92
N ILE A 252 -13.49 -6.80 -3.69
CA ILE A 252 -12.31 -6.90 -2.83
C ILE A 252 -12.00 -8.37 -2.51
N ALA A 253 -10.72 -8.72 -2.60
CA ALA A 253 -10.23 -10.03 -2.16
C ALA A 253 -9.07 -9.87 -1.18
N GLN A 254 -8.75 -10.95 -0.47
CA GLN A 254 -7.54 -10.96 0.37
C GLN A 254 -6.82 -12.30 0.25
N VAL A 255 -5.48 -12.24 0.21
CA VAL A 255 -4.66 -13.45 0.06
CA VAL A 255 -4.63 -13.43 0.04
C VAL A 255 -3.61 -13.57 1.17
N ASN A 256 -3.42 -14.79 1.64
CA ASN A 256 -2.41 -15.08 2.66
C ASN A 256 -0.99 -15.02 2.10
N LEU A 257 -0.16 -14.19 2.70
CA LEU A 257 1.25 -14.04 2.33
C LEU A 257 2.12 -14.77 3.35
N GLY A 258 1.46 -15.42 4.30
CA GLY A 258 2.10 -16.22 5.32
C GLY A 258 2.52 -15.43 6.54
N VAL A 259 3.82 -15.14 6.64
CA VAL A 259 4.37 -14.38 7.76
C VAL A 259 5.16 -13.19 7.23
N ARG A 260 5.11 -12.06 7.95
CA ARG A 260 5.92 -10.90 7.59
C ARG A 260 6.62 -10.29 8.79
N ALA A 261 7.82 -9.81 8.50
CA ALA A 261 8.69 -9.14 9.43
C ALA A 261 9.02 -7.77 8.83
N HIS A 262 9.18 -6.77 9.69
CA HIS A 262 9.60 -5.46 9.22
C HIS A 262 10.16 -4.66 10.38
N ARG A 263 10.59 -3.45 10.07
CA ARG A 263 11.03 -2.48 11.08
CA ARG A 263 11.07 -2.52 11.12
C ARG A 263 10.00 -2.34 12.17
N ASN A 264 10.39 -2.53 13.43
CA ASN A 264 9.52 -2.13 14.53
C ASN A 264 9.86 -0.75 15.05
N ARG A 265 8.98 0.18 14.70
CA ARG A 265 9.07 1.58 15.09
C ARG A 265 8.81 1.81 16.58
N PRO A 266 9.36 2.90 17.14
CA PRO A 266 9.05 3.23 18.53
C PRO A 266 7.59 3.66 18.73
N LEU A 267 7.07 3.50 19.94
CA LEU A 267 5.65 3.74 20.24
C LEU A 267 5.21 5.15 19.83
N ASP A 268 6.11 6.12 19.99
CA ASP A 268 5.78 7.52 19.73
C ASP A 268 5.53 7.76 18.24
N GLU A 269 6.31 7.11 17.38
CA GLU A 269 6.08 7.19 15.95
C GLU A 269 4.75 6.55 15.56
N LEU A 270 4.38 5.50 16.28
CA LEU A 270 3.09 4.84 16.07
C LEU A 270 1.94 5.75 16.47
N GLY A 271 2.21 6.64 17.41
CA GLY A 271 1.19 7.54 17.93
C GLY A 271 0.78 8.46 16.80
N ALA A 272 1.77 8.99 16.10
CA ALA A 272 1.52 9.90 14.98
C ALA A 272 0.84 9.16 13.82
N MET A 273 1.17 7.90 13.63
CA MET A 273 0.62 7.13 12.53
C MET A 273 -0.87 6.88 12.78
N SER A 274 -1.16 6.46 14.00
CA SER A 274 -2.52 6.20 14.45
C SER A 274 -3.42 7.43 14.34
N ARG A 275 -2.90 8.57 14.76
CA ARG A 275 -3.61 9.84 14.64
C ARG A 275 -4.07 10.13 13.20
N GLN A 276 -3.21 9.85 12.23
CA GLN A 276 -3.52 10.13 10.83
C GLN A 276 -4.50 9.09 10.29
N VAL A 277 -4.38 7.86 10.78
CA VAL A 277 -5.30 6.80 10.37
C VAL A 277 -6.69 7.15 10.88
N ILE A 278 -6.77 7.60 12.12
CA ILE A 278 -8.03 8.03 12.71
C ILE A 278 -8.66 9.20 11.95
N ALA A 279 -7.85 10.21 11.64
CA ALA A 279 -8.33 11.39 10.92
C ALA A 279 -8.91 11.03 9.57
N THR A 280 -8.24 10.13 8.86
CA THR A 280 -8.65 9.70 7.54
C THR A 280 -9.90 8.83 7.62
N LEU A 281 -9.94 7.97 8.62
CA LEU A 281 -11.05 7.03 8.81
C LEU A 281 -12.31 7.80 9.20
N LEU A 282 -12.16 8.75 10.10
CA LEU A 282 -13.28 9.60 10.52
C LEU A 282 -13.87 10.37 9.35
N SER A 283 -13.01 10.89 8.47
CA SER A 283 -13.47 11.67 7.32
C SER A 283 -14.33 10.87 6.34
N ARG A 284 -13.93 9.64 6.05
CA ARG A 284 -14.69 8.79 5.14
C ARG A 284 -16.06 8.45 5.74
N CYS A 285 -16.14 8.45 7.06
CA CYS A 285 -17.39 8.14 7.75
C CYS A 285 -18.22 9.40 8.02
N GLY A 286 -17.84 10.52 7.43
CA GLY A 286 -18.63 11.75 7.58
C GLY A 286 -18.49 12.46 8.91
N ILE A 287 -17.40 12.20 9.63
CA ILE A 287 -17.20 12.79 10.96
C ILE A 287 -16.09 13.86 10.98
N PRO A 288 -16.39 15.05 11.54
CA PRO A 288 -15.42 16.16 11.54
C PRO A 288 -14.22 15.95 12.48
N ASP A 289 -13.03 16.16 11.95
CA ASP A 289 -11.80 15.96 12.72
C ASP A 289 -11.29 17.34 13.10
N SER A 290 -10.74 17.46 14.31
CA SER A 290 -10.28 18.76 14.80
C SER A 290 -9.16 19.36 13.96
N GLY A 291 -8.43 18.52 13.23
CA GLY A 291 -7.22 18.97 12.56
C GLY A 291 -6.06 19.20 13.52
N VAL A 292 -6.27 18.93 14.80
CA VAL A 292 -5.23 19.10 15.80
C VAL A 292 -4.30 17.89 15.90
N GLY A 293 -3.00 18.14 15.77
CA GLY A 293 -2.00 17.10 15.87
C GLY A 293 -1.93 16.46 17.24
N LEU A 294 -1.48 15.21 17.27
CA LEU A 294 -1.27 14.50 18.53
C LEU A 294 -0.12 15.16 19.27
N THR A 295 -0.29 15.45 20.56
CA THR A 295 0.85 15.87 21.36
C THR A 295 1.31 14.78 22.34
N GLN A 296 2.63 14.68 22.51
CA GLN A 296 3.23 13.72 23.44
C GLN A 296 4.19 14.38 24.41
N PHE A 297 4.25 13.90 25.64
CA PHE A 297 5.18 14.46 26.62
C PHE A 297 6.28 13.46 26.98
N LEU A 298 7.51 13.73 26.56
CA LEU A 298 8.62 12.79 26.72
C LEU A 298 9.44 13.11 27.97
N TYR A 307 10.10 14.98 31.08
CA TYR A 307 8.83 15.48 30.56
C TYR A 307 9.03 16.71 29.67
N THR A 308 9.28 16.47 28.39
CA THR A 308 9.26 17.50 27.35
C THR A 308 8.11 17.24 26.38
N ARG A 309 7.62 18.27 25.70
CA ARG A 309 6.45 18.12 24.81
C ARG A 309 6.79 18.29 23.32
N HIS A 310 6.11 17.50 22.50
CA HIS A 310 6.24 17.56 21.04
C HIS A 310 4.89 17.33 20.33
N THR A 311 4.63 18.12 19.28
CA THR A 311 3.40 18.00 18.50
C THR A 311 3.72 17.46 17.10
N TRP A 312 3.02 16.40 16.71
CA TRP A 312 3.19 15.77 15.40
C TRP A 312 2.21 16.30 14.35
N PRO A 313 2.64 16.37 13.08
CA PRO A 313 1.70 16.86 12.06
C PRO A 313 0.59 15.86 11.75
N VAL A 314 -0.61 16.36 11.50
CA VAL A 314 -1.68 15.56 10.92
C VAL A 314 -2.25 16.35 9.75
N SER A 315 -2.77 15.66 8.75
CA SER A 315 -3.27 16.33 7.56
C SER A 315 -4.70 15.90 7.27
N LEU A 316 -5.53 16.89 6.97
CA LEU A 316 -6.92 16.65 6.55
C LEU A 316 -7.06 16.87 5.05
N VAL A 317 -5.94 16.92 4.33
CA VAL A 317 -5.98 17.16 2.89
C VAL A 317 -5.64 15.92 2.07
N ASP A 318 -6.62 15.45 1.32
CA ASP A 318 -6.42 14.33 0.41
C ASP A 318 -5.85 14.88 -0.89
N ARG A 319 -5.14 14.04 -1.64
CA ARG A 319 -4.90 14.30 -3.05
C ARG A 319 -6.11 13.90 -3.87
N PRO A 320 -6.44 14.66 -4.92
CA PRO A 320 -7.61 14.26 -5.72
C PRO A 320 -7.29 13.06 -6.59
N PRO A 321 -8.32 12.40 -7.16
CA PRO A 321 -8.10 11.36 -8.16
C PRO A 321 -7.12 11.79 -9.24
N MET A 322 -6.16 10.92 -9.54
CA MET A 322 -5.07 11.26 -10.44
C MET A 322 -5.66 11.57 -11.81
N LYS A 323 -6.84 11.01 -12.07
CA LYS A 323 -7.63 11.37 -13.25
C LYS A 323 -7.75 12.86 -13.58
N VAL A 324 -7.96 13.72 -12.59
CA VAL A 324 -8.07 15.16 -12.89
C VAL A 324 -6.78 15.74 -13.45
N MET A 325 -5.68 15.03 -13.26
CA MET A 325 -4.37 15.50 -13.67
C MET A 325 -4.04 15.17 -15.12
N ARG A 326 -4.96 14.50 -15.80
CA ARG A 326 -4.71 14.06 -17.18
C ARG A 326 -4.63 15.25 -18.13
#